data_7TVB
#
_entry.id   7TVB
#
_cell.length_a   239.937
_cell.length_b   239.937
_cell.length_c   113.224
_cell.angle_alpha   90.000
_cell.angle_beta   90.000
_cell.angle_gamma   120.000
#
_symmetry.space_group_name_H-M   'H 3 2'
#
loop_
_entity.id
_entity.type
_entity.pdbx_description
1 polymer 'Signal transducer and activator of transcription 5A'
2 non-polymer N-{5-[difluoro(phosphono)methyl]-1-benzothiophene-2-carbonyl}-3-methyl-L-valyl-L-prolyl-N,N-dimethyl-N~3~-[4-(1,3-thiazol-2-yl)phenyl]-beta-alaninamide
3 non-polymer GLYCEROL
4 water water
#
_entity_poly.entity_id   1
_entity_poly.type   'polypeptide(L)'
_entity_poly.pdbx_seq_one_letter_code
;SNAAMSQKHLQINQTFEELRLVTQDTENELKKLQQTQEYFIIQYQESLRIQAQFAQLAQLSPQERLSRETALQQKQVSLE
AWLQREAQTLQQYRVELAEKHQKTLQLLRKQQTIILDDELIQWKRRQQLAGNGGPPEGSLDVLQSWCEKLAEIIWQNRQQ
IRRAEHLCQQLPIPGPVEEMLAEVNATITDIISALVTSTFIIEKQPPQVLKTQTKFAATVRLLVGGKLNVHMNPPQVKAT
IISEQQAKSLLKNENTRNECSGEILNNCCVMEYHQATGTLSAHFRNMSLKRIKRADRRGAESVTEEKFTVLFESQFSVGS
NELVFQVKTLSLPVVVIVHGSQDHNATATVLWDNAFAEPGRVPFAVPDKVLWPQLCEALNMKFKAEVQSNRGLTKENLVF
LAQKLFNNSSSHLEDYSGLSVSWSQFNRENLPGWNYTFWQWFDGVMEVLKKHHKPHWNDGAILGFVNKQQAHDLLINKPD
GTFLLRFSDSEIGGITIAWKFDSPERNLWNLKPFTTRDFSIRSLADRLGDLSYLIYVFPDRPKDEVFSKYYTPVLAKAVD
GYVKPQIKQVVPE
;
_entity_poly.pdbx_strand_id   A
#
# COMPACT_ATOMS: atom_id res chain seq x y z
N MET A 5 18.26 1.62 13.57
CA MET A 5 17.41 2.44 12.70
C MET A 5 18.14 2.90 11.44
N SER A 6 17.43 2.96 10.31
CA SER A 6 17.99 3.43 9.04
C SER A 6 18.46 4.90 9.12
N GLN A 7 19.37 5.31 8.22
CA GLN A 7 19.85 6.69 8.21
C GLN A 7 18.78 7.63 7.65
N LYS A 8 18.03 7.18 6.63
CA LYS A 8 16.93 8.00 6.08
C LYS A 8 15.86 8.23 7.17
N HIS A 9 15.64 7.24 8.06
CA HIS A 9 14.67 7.30 9.15
C HIS A 9 15.13 8.19 10.27
N LEU A 10 16.44 8.20 10.56
CA LEU A 10 16.97 9.04 11.63
C LEU A 10 16.86 10.51 11.26
N GLN A 11 17.05 10.85 9.98
CA GLN A 11 16.91 12.22 9.49
C GLN A 11 15.48 12.72 9.65
N ILE A 12 14.49 11.82 9.44
CA ILE A 12 13.08 12.14 9.59
C ILE A 12 12.80 12.48 11.06
N ASN A 13 13.35 11.70 11.99
CA ASN A 13 13.17 11.95 13.40
C ASN A 13 13.86 13.25 13.84
N GLN A 14 15.03 13.54 13.26
CA GLN A 14 15.77 14.78 13.53
C GLN A 14 14.93 15.99 13.10
N THR A 15 14.29 15.91 11.94
CA THR A 15 13.46 16.97 11.43
C THR A 15 12.20 17.15 12.26
N PHE A 16 11.62 16.08 12.80
CA PHE A 16 10.44 16.18 13.65
C PHE A 16 10.76 16.88 14.96
N GLU A 17 11.95 16.62 15.50
CA GLU A 17 12.38 17.27 16.73
C GLU A 17 12.69 18.77 16.44
N GLU A 18 13.25 19.07 15.26
CA GLU A 18 13.55 20.42 14.85
C GLU A 18 12.25 21.21 14.64
N LEU A 19 11.24 20.59 14.05
CA LEU A 19 9.93 21.18 13.78
C LEU A 19 9.13 21.47 15.06
N ARG A 20 9.32 20.62 16.05
CA ARG A 20 8.66 20.71 17.34
C ARG A 20 9.21 21.98 18.06
N LEU A 21 10.55 22.15 18.03
CA LEU A 21 11.29 23.25 18.64
C LEU A 21 10.92 24.60 18.05
N VAL A 22 10.91 24.72 16.71
CA VAL A 22 10.58 25.98 16.06
C VAL A 22 9.11 26.37 16.22
N THR A 23 8.21 25.39 16.40
CA THR A 23 6.79 25.62 16.64
C THR A 23 6.60 26.15 18.07
N GLN A 24 7.43 25.65 19.03
CA GLN A 24 7.40 26.14 20.40
C GLN A 24 7.88 27.59 20.40
N ASP A 25 8.95 27.90 19.63
CA ASP A 25 9.49 29.24 19.52
CA ASP A 25 9.48 29.24 19.52
C ASP A 25 8.43 30.24 19.06
N THR A 26 7.67 29.92 18.00
CA THR A 26 6.63 30.85 17.53
C THR A 26 5.47 30.99 18.50
N GLU A 27 5.26 29.99 19.38
CA GLU A 27 4.22 30.01 20.41
C GLU A 27 4.63 31.04 21.48
N ASN A 28 5.92 31.03 21.86
CA ASN A 28 6.52 31.92 22.82
C ASN A 28 6.49 33.36 22.29
N GLU A 29 6.80 33.54 21.01
CA GLU A 29 6.76 34.84 20.37
C GLU A 29 5.34 35.37 20.32
N LEU A 30 4.36 34.54 20.01
CA LEU A 30 2.97 34.93 19.96
C LEU A 30 2.43 35.35 21.33
N LYS A 31 2.96 34.75 22.42
CA LYS A 31 2.55 35.12 23.77
C LYS A 31 3.18 36.48 24.14
N LYS A 32 4.42 36.73 23.70
CA LYS A 32 5.11 38.00 23.90
C LYS A 32 4.40 39.12 23.12
N LEU A 33 4.06 38.85 21.85
CA LEU A 33 3.36 39.76 20.96
C LEU A 33 1.97 40.11 21.49
N GLN A 34 1.29 39.17 22.19
CA GLN A 34 -0.02 39.46 22.78
C GLN A 34 0.09 40.40 24.00
N GLN A 35 1.19 40.28 24.73
CA GLN A 35 1.44 41.10 25.89
C GLN A 35 1.81 42.52 25.45
N THR A 36 2.64 42.65 24.40
CA THR A 36 3.01 43.93 23.84
C THR A 36 1.77 44.69 23.37
N GLN A 37 0.92 44.04 22.58
CA GLN A 37 -0.32 44.62 22.10
C GLN A 37 -1.25 45.03 23.26
N GLU A 38 -1.38 44.18 24.28
CA GLU A 38 -2.21 44.51 25.44
C GLU A 38 -1.67 45.70 26.28
N TYR A 39 -0.35 45.77 26.48
CA TYR A 39 0.28 46.84 27.23
C TYR A 39 0.15 48.14 26.45
N PHE A 40 0.41 48.08 25.14
CA PHE A 40 0.25 49.22 24.22
C PHE A 40 -1.17 49.82 24.30
N ILE A 41 -2.21 48.98 24.39
CA ILE A 41 -3.60 49.43 24.46
C ILE A 41 -3.89 50.14 25.78
N ILE A 42 -3.28 49.68 26.88
CA ILE A 42 -3.41 50.34 28.18
C ILE A 42 -2.74 51.71 28.11
N GLN A 43 -1.55 51.78 27.51
CA GLN A 43 -0.82 53.03 27.34
C GLN A 43 -1.49 54.02 26.39
N TYR A 44 -2.30 53.52 25.46
CA TYR A 44 -3.04 54.38 24.57
C TYR A 44 -4.15 55.05 25.37
N GLN A 45 -4.82 54.31 26.26
CA GLN A 45 -5.82 54.90 27.13
C GLN A 45 -5.17 55.94 28.08
N GLU A 46 -3.91 55.72 28.47
CA GLU A 46 -3.19 56.69 29.30
C GLU A 46 -3.03 58.02 28.56
N SER A 47 -2.91 57.99 27.23
CA SER A 47 -2.79 59.21 26.43
C SER A 47 -4.12 59.93 26.32
N LEU A 48 -5.26 59.21 26.32
CA LEU A 48 -6.56 59.86 26.34
C LEU A 48 -6.76 60.57 27.69
N ARG A 49 -6.29 59.97 28.79
CA ARG A 49 -6.44 60.57 30.12
C ARG A 49 -5.59 61.82 30.28
N ILE A 50 -4.48 61.97 29.52
CA ILE A 50 -3.69 63.21 29.54
C ILE A 50 -4.60 64.34 28.99
N GLN A 51 -5.30 64.07 27.88
CA GLN A 51 -6.25 64.99 27.28
C GLN A 51 -7.37 65.37 28.21
N ALA A 52 -7.92 64.40 28.94
CA ALA A 52 -8.97 64.64 29.91
C ALA A 52 -8.47 65.52 31.06
N GLN A 53 -7.21 65.36 31.46
CA GLN A 53 -6.60 66.15 32.51
C GLN A 53 -6.38 67.59 32.06
N PHE A 54 -6.06 67.80 30.78
CA PHE A 54 -5.91 69.12 30.17
C PHE A 54 -7.24 69.89 30.22
N ALA A 55 -8.36 69.19 30.00
CA ALA A 55 -9.69 69.77 30.08
C ALA A 55 -10.07 70.13 31.52
N GLN A 56 -9.51 69.41 32.53
CA GLN A 56 -9.72 69.67 33.95
C GLN A 56 -8.91 70.88 34.46
N LEU A 57 -7.98 71.42 33.66
CA LEU A 57 -7.22 72.63 33.97
C LEU A 57 -8.07 73.91 33.77
N ALA A 58 -9.25 73.81 33.07
CA ALA A 58 -10.17 74.92 32.82
C ALA A 58 -10.58 75.58 34.14
N GLN A 59 -10.79 74.78 35.20
CA GLN A 59 -11.10 75.29 36.54
C GLN A 59 -9.87 75.20 37.45
N LEU A 60 -8.81 75.95 37.13
CA LEU A 60 -7.58 75.95 37.93
C LEU A 60 -6.97 77.36 38.00
N SER A 61 -6.30 77.66 39.14
CA SER A 61 -5.60 78.94 39.44
C SER A 61 -4.49 79.10 38.41
N PRO A 62 -4.52 80.08 37.46
CA PRO A 62 -3.50 80.14 36.39
C PRO A 62 -2.02 80.25 36.82
N GLN A 63 -1.75 80.43 38.13
CA GLN A 63 -0.38 80.42 38.66
C GLN A 63 0.02 78.93 38.86
N GLU A 64 -0.89 78.12 39.45
CA GLU A 64 -0.69 76.68 39.65
C GLU A 64 -0.88 75.89 38.33
N ARG A 65 -1.81 76.37 37.47
CA ARG A 65 -2.16 75.83 36.17
C ARG A 65 -0.90 75.76 35.29
N LEU A 66 -0.07 76.80 35.33
CA LEU A 66 1.18 76.85 34.55
C LEU A 66 2.07 75.64 34.83
N SER A 67 2.16 75.23 36.10
CA SER A 67 2.95 74.09 36.50
C SER A 67 2.32 72.77 36.04
N ARG A 68 1.01 72.56 36.32
CA ARG A 68 0.29 71.35 35.92
C ARG A 68 0.07 71.22 34.41
N GLU A 69 0.34 72.28 33.63
CA GLU A 69 0.17 72.25 32.19
C GLU A 69 1.48 71.89 31.52
N THR A 70 2.60 72.43 31.99
CA THR A 70 3.90 72.08 31.44
C THR A 70 4.26 70.61 31.76
N ALA A 71 3.79 70.11 32.90
CA ALA A 71 3.97 68.74 33.32
C ALA A 71 3.16 67.82 32.40
N LEU A 72 1.88 68.13 32.13
CA LEU A 72 1.04 67.35 31.22
C LEU A 72 1.58 67.34 29.80
N GLN A 73 2.23 68.42 29.38
CA GLN A 73 2.81 68.54 28.06
C GLN A 73 4.04 67.65 27.96
N GLN A 74 4.86 67.60 29.02
CA GLN A 74 6.04 66.76 29.02
C GLN A 74 5.66 65.26 29.03
N LYS A 75 4.56 64.91 29.71
CA LYS A 75 4.05 63.54 29.77
C LYS A 75 3.49 63.11 28.42
N GLN A 76 2.73 64.01 27.78
CA GLN A 76 2.09 63.73 26.50
C GLN A 76 3.10 63.58 25.38
N VAL A 77 4.13 64.40 25.36
CA VAL A 77 5.12 64.35 24.30
C VAL A 77 5.91 63.07 24.38
N SER A 78 6.24 62.61 25.59
CA SER A 78 7.01 61.37 25.73
C SER A 78 6.14 60.13 25.50
N LEU A 79 4.90 60.11 26.04
CA LEU A 79 4.00 58.98 25.81
C LEU A 79 3.63 58.85 24.34
N GLU A 80 3.47 59.99 23.65
CA GLU A 80 3.18 59.97 22.22
C GLU A 80 4.35 59.40 21.46
N ALA A 81 5.58 59.77 21.84
CA ALA A 81 6.77 59.23 21.20
C ALA A 81 6.90 57.72 21.46
N TRP A 82 6.62 57.26 22.71
CA TRP A 82 6.70 55.85 23.08
C TRP A 82 5.70 55.07 22.24
N LEU A 83 4.43 55.53 22.18
CA LEU A 83 3.37 54.87 21.46
C LEU A 83 3.70 54.73 19.98
N GLN A 84 4.36 55.73 19.39
CA GLN A 84 4.69 55.68 17.97
C GLN A 84 5.75 54.61 17.72
N ARG A 85 6.76 54.55 18.60
CA ARG A 85 7.83 53.58 18.53
C ARG A 85 7.26 52.17 18.71
N GLU A 86 6.35 52.00 19.67
CA GLU A 86 5.68 50.74 19.97
C GLU A 86 4.83 50.24 18.83
N ALA A 87 4.22 51.14 18.07
CA ALA A 87 3.43 50.75 16.91
C ALA A 87 4.35 50.09 15.87
N GLN A 88 5.55 50.66 15.60
CA GLN A 88 6.45 50.01 14.66
C GLN A 88 6.97 48.70 15.27
N THR A 89 7.18 48.64 16.59
CA THR A 89 7.61 47.39 17.24
C THR A 89 6.54 46.29 17.04
N LEU A 90 5.25 46.63 17.17
CA LEU A 90 4.18 45.69 16.92
C LEU A 90 4.20 45.21 15.47
N GLN A 91 4.39 46.13 14.49
CA GLN A 91 4.44 45.74 13.08
CA GLN A 91 4.44 45.76 13.08
C GLN A 91 5.63 44.83 12.83
N GLN A 92 6.80 45.17 13.36
CA GLN A 92 8.01 44.37 13.18
C GLN A 92 7.91 42.97 13.78
N TYR A 93 7.31 42.84 14.96
CA TYR A 93 7.14 41.54 15.61
C TYR A 93 6.15 40.68 14.83
N ARG A 94 5.15 41.31 14.20
CA ARG A 94 4.15 40.62 13.41
C ARG A 94 4.75 40.12 12.09
N VAL A 95 5.72 40.84 11.52
CA VAL A 95 6.39 40.42 10.30
C VAL A 95 7.36 39.31 10.66
N GLU A 96 8.16 39.49 11.73
CA GLU A 96 9.11 38.45 12.14
C GLU A 96 8.43 37.15 12.55
N LEU A 97 7.16 37.20 13.00
CA LEU A 97 6.43 35.99 13.36
C LEU A 97 5.91 35.31 12.10
N ALA A 98 5.45 36.10 11.10
CA ALA A 98 4.95 35.58 9.83
C ALA A 98 6.07 34.93 9.05
N GLU A 99 7.28 35.53 9.07
CA GLU A 99 8.47 34.98 8.41
C GLU A 99 8.81 33.62 9.04
N LYS A 100 8.74 33.55 10.38
CA LYS A 100 9.03 32.34 11.14
C LYS A 100 8.01 31.25 10.85
N HIS A 101 6.73 31.62 10.70
CA HIS A 101 5.66 30.69 10.35
C HIS A 101 5.87 30.15 8.94
N GLN A 102 6.22 31.05 7.98
CA GLN A 102 6.53 30.70 6.59
C GLN A 102 7.71 29.74 6.52
N LYS A 103 8.72 29.96 7.36
CA LYS A 103 9.91 29.12 7.38
C LYS A 103 9.60 27.72 7.88
N THR A 104 8.85 27.58 8.99
CA THR A 104 8.54 26.25 9.50
C THR A 104 7.58 25.50 8.58
N LEU A 105 6.70 26.21 7.86
CA LEU A 105 5.79 25.56 6.93
C LEU A 105 6.55 24.96 5.76
N GLN A 106 7.66 25.59 5.31
CA GLN A 106 8.49 25.05 4.24
C GLN A 106 9.26 23.82 4.66
N LEU A 107 9.71 23.78 5.91
CA LEU A 107 10.40 22.61 6.44
C LEU A 107 9.37 21.47 6.58
N LEU A 108 8.14 21.80 7.02
CA LEU A 108 7.04 20.85 7.15
C LEU A 108 6.65 20.30 5.78
N ARG A 109 6.63 21.14 4.73
CA ARG A 109 6.34 20.73 3.35
C ARG A 109 7.37 19.71 2.86
N LYS A 110 8.66 19.94 3.17
CA LYS A 110 9.71 19.00 2.76
C LYS A 110 9.57 17.71 3.53
N GLN A 111 9.25 17.78 4.82
CA GLN A 111 9.09 16.60 5.65
C GLN A 111 7.89 15.76 5.22
N GLN A 112 6.77 16.40 4.87
CA GLN A 112 5.54 15.69 4.49
C GLN A 112 5.69 14.98 3.14
N THR A 113 6.44 15.59 2.21
CA THR A 113 6.72 14.98 0.91
C THR A 113 7.53 13.69 1.09
N ILE A 114 8.47 13.65 2.06
CA ILE A 114 9.22 12.44 2.34
C ILE A 114 8.27 11.35 2.84
N ILE A 115 7.46 11.64 3.88
CA ILE A 115 6.52 10.69 4.49
C ILE A 115 5.46 10.13 3.52
N LEU A 116 4.79 11.01 2.78
CA LEU A 116 3.69 10.71 1.88
C LEU A 116 4.12 10.26 0.48
N ASP A 117 5.01 11.04 -0.19
CA ASP A 117 5.42 10.77 -1.55
C ASP A 117 6.53 9.75 -1.71
N ASP A 118 7.15 9.30 -0.62
CA ASP A 118 8.20 8.29 -0.70
CA ASP A 118 8.21 8.29 -0.68
C ASP A 118 7.92 7.13 0.27
N GLU A 119 8.03 7.35 1.59
CA GLU A 119 7.81 6.28 2.56
C GLU A 119 6.44 5.57 2.46
N LEU A 120 5.36 6.32 2.16
CA LEU A 120 4.04 5.72 2.09
C LEU A 120 3.90 4.95 0.78
N ILE A 121 4.35 5.55 -0.33
CA ILE A 121 4.39 4.97 -1.66
C ILE A 121 5.18 3.64 -1.68
N GLN A 122 6.30 3.57 -0.94
CA GLN A 122 7.11 2.37 -0.83
C GLN A 122 6.33 1.27 -0.15
N TRP A 123 5.61 1.60 0.93
CA TRP A 123 4.79 0.66 1.69
C TRP A 123 3.65 0.13 0.80
N LYS A 124 3.01 1.02 0.04
CA LYS A 124 1.93 0.69 -0.85
C LYS A 124 2.42 -0.26 -1.95
N ARG A 125 3.64 -0.01 -2.48
CA ARG A 125 4.26 -0.86 -3.48
C ARG A 125 4.62 -2.24 -2.89
N ARG A 126 5.04 -2.27 -1.63
CA ARG A 126 5.34 -3.52 -0.95
C ARG A 126 4.03 -4.33 -0.78
N GLN A 127 2.92 -3.64 -0.45
CA GLN A 127 1.59 -4.27 -0.30
C GLN A 127 1.08 -4.77 -1.66
N GLN A 128 1.37 -4.03 -2.72
CA GLN A 128 0.99 -4.40 -4.08
C GLN A 128 1.71 -5.70 -4.55
N LEU A 129 3.03 -5.79 -4.35
CA LEU A 129 3.78 -6.99 -4.69
C LEU A 129 3.43 -8.17 -3.78
N ALA A 130 3.00 -7.89 -2.55
CA ALA A 130 2.59 -8.96 -1.63
C ALA A 130 1.37 -9.73 -2.16
N GLY A 131 0.62 -9.13 -3.09
CA GLY A 131 -0.50 -9.78 -3.75
C GLY A 131 -0.07 -10.88 -4.70
N ASN A 132 1.21 -10.84 -5.15
CA ASN A 132 1.87 -11.85 -6.01
C ASN A 132 2.77 -12.79 -5.20
N GLY A 133 2.72 -12.75 -3.86
CA GLY A 133 3.60 -13.59 -3.04
C GLY A 133 4.86 -12.88 -2.53
N GLY A 134 4.97 -11.57 -2.78
CA GLY A 134 6.07 -10.75 -2.26
C GLY A 134 6.09 -10.72 -0.75
N PRO A 135 7.18 -10.21 -0.14
CA PRO A 135 7.27 -10.22 1.33
C PRO A 135 6.30 -9.24 1.98
N PRO A 136 5.66 -9.65 3.08
CA PRO A 136 4.69 -8.75 3.76
C PRO A 136 5.15 -7.32 3.96
N GLU A 137 4.24 -6.36 3.72
CA GLU A 137 4.52 -4.93 3.78
C GLU A 137 4.92 -4.44 5.17
N GLY A 138 4.41 -5.09 6.21
CA GLY A 138 4.75 -4.71 7.57
C GLY A 138 3.77 -3.73 8.16
N SER A 139 3.97 -3.42 9.45
CA SER A 139 3.07 -2.57 10.17
C SER A 139 3.01 -1.11 9.72
N LEU A 140 1.77 -0.56 9.73
CA LEU A 140 1.56 0.86 9.46
C LEU A 140 1.96 1.73 10.72
N ASP A 141 2.45 1.12 11.82
CA ASP A 141 2.90 1.73 13.07
C ASP A 141 3.84 2.92 12.88
N VAL A 142 4.84 2.78 12.02
CA VAL A 142 5.81 3.83 11.80
C VAL A 142 5.17 4.95 11.00
N LEU A 143 4.51 4.62 9.88
CA LEU A 143 3.83 5.64 9.08
C LEU A 143 2.76 6.40 9.89
N GLN A 144 2.19 5.75 10.92
CA GLN A 144 1.18 6.38 11.75
C GLN A 144 1.87 7.32 12.72
N SER A 145 2.93 6.87 13.38
CA SER A 145 3.72 7.70 14.28
C SER A 145 4.23 8.97 13.60
N TRP A 146 4.61 8.88 12.32
CA TRP A 146 5.10 10.03 11.57
C TRP A 146 3.96 10.93 11.18
N CYS A 147 2.83 10.35 10.74
CA CYS A 147 1.67 11.13 10.31
C CYS A 147 1.00 11.85 11.46
N GLU A 148 1.09 11.31 12.68
CA GLU A 148 0.56 11.91 13.89
C GLU A 148 1.30 13.22 14.13
N LYS A 149 2.65 13.20 14.00
CA LYS A 149 3.48 14.37 14.17
C LYS A 149 3.23 15.41 13.09
N LEU A 150 2.93 15.00 11.88
CA LEU A 150 2.62 15.96 10.81
C LEU A 150 1.32 16.69 11.15
N ALA A 151 0.32 15.94 11.66
CA ALA A 151 -0.98 16.45 12.07
C ALA A 151 -0.83 17.41 13.29
N GLU A 152 -0.11 16.97 14.30
CA GLU A 152 0.16 17.73 15.50
C GLU A 152 0.91 19.04 15.19
N ILE A 153 1.85 19.00 14.25
CA ILE A 153 2.63 20.20 13.94
C ILE A 153 1.84 21.15 13.04
N ILE A 154 1.16 20.68 12.01
CA ILE A 154 0.36 21.57 11.16
C ILE A 154 -0.78 22.19 11.97
N TRP A 155 -1.35 21.45 12.93
CA TRP A 155 -2.47 21.97 13.71
C TRP A 155 -2.07 23.06 14.66
N GLN A 156 -0.98 22.82 15.42
CA GLN A 156 -0.40 23.79 16.34
C GLN A 156 -0.09 25.11 15.61
N ASN A 157 0.45 25.04 14.40
CA ASN A 157 0.79 26.23 13.61
C ASN A 157 -0.46 26.93 13.10
N ARG A 158 -1.51 26.19 12.75
CA ARG A 158 -2.74 26.79 12.26
C ARG A 158 -3.44 27.54 13.39
N GLN A 159 -3.42 26.97 14.60
CA GLN A 159 -4.06 27.62 15.73
C GLN A 159 -3.21 28.84 16.23
N GLN A 160 -1.89 28.82 15.99
CA GLN A 160 -1.03 29.95 16.28
C GLN A 160 -1.37 31.10 15.33
N ILE A 161 -1.53 30.82 14.03
CA ILE A 161 -1.84 31.89 13.07
C ILE A 161 -3.31 32.36 13.23
N ARG A 162 -4.22 31.53 13.73
CA ARG A 162 -5.60 31.97 14.01
C ARG A 162 -5.56 32.99 15.16
N ARG A 163 -4.73 32.73 16.19
CA ARG A 163 -4.51 33.63 17.32
C ARG A 163 -3.84 34.91 16.87
N ALA A 164 -2.92 34.84 15.91
CA ALA A 164 -2.25 36.02 15.38
C ALA A 164 -3.24 36.87 14.57
N GLU A 165 -4.11 36.23 13.80
CA GLU A 165 -5.14 36.91 13.04
C GLU A 165 -6.13 37.62 13.96
N HIS A 166 -6.46 37.04 15.12
CA HIS A 166 -7.35 37.69 16.11
C HIS A 166 -6.74 39.00 16.56
N LEU A 167 -5.43 38.99 16.89
CA LEU A 167 -4.71 40.18 17.30
C LEU A 167 -4.77 41.27 16.25
N CYS A 168 -4.65 40.94 14.96
CA CYS A 168 -4.72 41.90 13.87
C CYS A 168 -6.13 42.48 13.70
N GLN A 169 -7.16 41.69 14.01
CA GLN A 169 -8.53 42.18 13.95
C GLN A 169 -8.78 43.15 15.13
N GLN A 170 -8.18 42.85 16.30
CA GLN A 170 -8.24 43.65 17.51
C GLN A 170 -7.52 44.97 17.30
N LEU A 171 -6.37 44.96 16.61
CA LEU A 171 -5.59 46.17 16.40
C LEU A 171 -4.96 46.12 15.01
N PRO A 172 -5.69 46.58 14.00
CA PRO A 172 -5.16 46.51 12.63
C PRO A 172 -4.01 47.47 12.38
N ILE A 173 -2.98 46.96 11.72
CA ILE A 173 -1.83 47.77 11.31
C ILE A 173 -1.59 47.44 9.83
N PRO A 174 -2.11 48.31 8.93
CA PRO A 174 -1.96 48.06 7.49
C PRO A 174 -0.51 48.01 7.06
N GLY A 175 -0.22 47.09 6.15
CA GLY A 175 1.13 46.90 5.66
C GLY A 175 1.33 45.56 4.98
N PRO A 176 2.56 45.03 5.06
CA PRO A 176 2.85 43.77 4.38
C PRO A 176 2.40 42.51 5.12
N VAL A 177 1.96 42.65 6.38
CA VAL A 177 1.53 41.52 7.19
C VAL A 177 0.29 40.84 6.63
N GLU A 178 -0.70 41.61 6.18
CA GLU A 178 -1.93 41.05 5.64
C GLU A 178 -1.73 40.05 4.49
N GLU A 179 -0.83 40.34 3.54
CA GLU A 179 -0.58 39.41 2.45
C GLU A 179 0.33 38.26 2.84
N MET A 180 1.20 38.47 3.83
CA MET A 180 2.04 37.38 4.35
C MET A 180 1.15 36.36 5.04
N LEU A 181 0.09 36.81 5.75
CA LEU A 181 -0.85 35.90 6.40
C LEU A 181 -1.71 35.18 5.37
N ALA A 182 -2.21 35.90 4.34
CA ALA A 182 -3.01 35.30 3.26
C ALA A 182 -2.26 34.17 2.55
N GLU A 183 -0.92 34.27 2.49
CA GLU A 183 -0.08 33.25 1.91
C GLU A 183 0.09 32.06 2.88
N VAL A 184 0.39 32.33 4.17
CA VAL A 184 0.56 31.29 5.18
C VAL A 184 -0.71 30.43 5.30
N ASN A 185 -1.88 31.06 5.18
CA ASN A 185 -3.14 30.34 5.21
C ASN A 185 -3.29 29.40 4.02
N ALA A 186 -2.94 29.82 2.80
CA ALA A 186 -3.00 28.97 1.61
C ALA A 186 -2.07 27.75 1.78
N THR A 187 -0.87 27.96 2.34
CA THR A 187 0.07 26.88 2.58
C THR A 187 -0.53 25.87 3.56
N ILE A 188 -1.23 26.34 4.60
CA ILE A 188 -1.85 25.49 5.60
C ILE A 188 -3.00 24.64 5.02
N THR A 189 -3.90 25.24 4.21
CA THR A 189 -4.99 24.46 3.63
C THR A 189 -4.45 23.37 2.68
N ASP A 190 -3.33 23.63 1.95
CA ASP A 190 -2.73 22.60 1.09
C ASP A 190 -2.16 21.47 1.90
N ILE A 191 -1.38 21.77 2.94
CA ILE A 191 -0.77 20.76 3.78
C ILE A 191 -1.83 19.88 4.44
N ILE A 192 -2.88 20.50 5.00
CA ILE A 192 -3.95 19.74 5.64
C ILE A 192 -4.71 18.87 4.63
N SER A 193 -5.06 19.40 3.44
CA SER A 193 -5.75 18.61 2.40
C SER A 193 -4.93 17.41 1.96
N ALA A 194 -3.64 17.63 1.65
CA ALA A 194 -2.76 16.54 1.24
C ALA A 194 -2.61 15.52 2.35
N LEU A 195 -2.51 15.97 3.60
CA LEU A 195 -2.33 15.05 4.70
C LEU A 195 -3.57 14.21 4.97
N VAL A 196 -4.75 14.83 4.93
CA VAL A 196 -5.99 14.13 5.22
C VAL A 196 -6.33 13.13 4.11
N THR A 197 -6.30 13.56 2.85
CA THR A 197 -6.61 12.70 1.71
C THR A 197 -5.58 11.57 1.50
N SER A 198 -4.29 11.85 1.71
CA SER A 198 -3.26 10.85 1.51
C SER A 198 -3.16 9.82 2.62
N THR A 199 -3.66 10.12 3.83
CA THR A 199 -3.58 9.17 4.94
C THR A 199 -4.83 8.31 5.12
N PHE A 200 -5.79 8.38 4.19
CA PHE A 200 -6.97 7.53 4.18
C PHE A 200 -6.58 6.34 3.27
N ILE A 201 -6.11 5.24 3.90
CA ILE A 201 -5.57 4.12 3.17
C ILE A 201 -6.11 2.74 3.54
N ILE A 202 -6.08 1.80 2.59
CA ILE A 202 -6.47 0.41 2.81
C ILE A 202 -5.27 -0.37 3.40
N GLU A 203 -5.40 -0.86 4.63
CA GLU A 203 -4.41 -1.64 5.38
C GLU A 203 -4.46 -3.11 4.91
N LYS A 204 -5.65 -3.66 4.77
CA LYS A 204 -5.88 -5.01 4.31
C LYS A 204 -6.75 -4.88 3.09
N GLN A 205 -6.18 -5.15 1.89
CA GLN A 205 -6.89 -5.07 0.62
C GLN A 205 -7.96 -6.16 0.51
N PRO A 206 -9.01 -5.92 -0.29
CA PRO A 206 -9.99 -7.00 -0.53
C PRO A 206 -9.40 -8.06 -1.50
N PRO A 207 -9.99 -9.28 -1.64
CA PRO A 207 -9.40 -10.26 -2.58
C PRO A 207 -9.34 -9.75 -4.02
N GLN A 208 -8.19 -9.91 -4.72
CA GLN A 208 -8.08 -9.45 -6.09
C GLN A 208 -8.73 -10.35 -7.10
N VAL A 209 -9.02 -11.59 -6.74
CA VAL A 209 -9.77 -12.50 -7.59
C VAL A 209 -10.98 -12.76 -6.73
N LEU A 210 -12.09 -12.07 -7.07
CA LEU A 210 -13.27 -12.09 -6.23
C LEU A 210 -14.51 -12.76 -6.84
N LYS A 211 -14.95 -13.87 -6.23
CA LYS A 211 -16.16 -14.54 -6.68
C LYS A 211 -17.41 -13.87 -6.08
N THR A 212 -18.50 -13.71 -6.86
CA THR A 212 -19.73 -13.13 -6.31
C THR A 212 -20.33 -14.03 -5.23
N GLN A 213 -21.16 -13.46 -4.34
CA GLN A 213 -21.82 -14.19 -3.26
C GLN A 213 -20.87 -14.88 -2.30
N THR A 214 -19.68 -14.29 -2.11
CA THR A 214 -18.63 -14.84 -1.27
C THR A 214 -18.18 -13.78 -0.28
N LYS A 215 -18.20 -14.10 1.00
CA LYS A 215 -17.78 -13.18 2.04
C LYS A 215 -16.32 -12.74 1.86
N PHE A 216 -16.09 -11.45 1.98
CA PHE A 216 -14.79 -10.87 1.86
C PHE A 216 -14.66 -9.70 2.83
N ALA A 217 -13.40 -9.35 3.12
CA ALA A 217 -13.08 -8.34 4.11
C ALA A 217 -12.12 -7.31 3.54
N ALA A 218 -12.03 -6.15 4.21
CA ALA A 218 -11.09 -5.08 3.91
C ALA A 218 -10.96 -4.20 5.14
N THR A 219 -9.82 -3.54 5.28
CA THR A 219 -9.57 -2.66 6.42
C THR A 219 -9.05 -1.34 5.92
N VAL A 220 -9.74 -0.25 6.23
CA VAL A 220 -9.33 1.10 5.86
C VAL A 220 -8.90 1.80 7.14
N ARG A 221 -8.04 2.80 7.02
CA ARG A 221 -7.62 3.54 8.19
C ARG A 221 -7.19 4.94 7.83
N LEU A 222 -7.39 5.86 8.78
CA LEU A 222 -6.98 7.25 8.62
C LEU A 222 -5.79 7.37 9.54
N LEU A 223 -4.58 7.57 8.98
CA LEU A 223 -3.37 7.59 9.79
C LEU A 223 -3.32 8.76 10.78
N VAL A 224 -3.93 9.92 10.42
CA VAL A 224 -3.98 11.10 11.27
C VAL A 224 -5.30 11.22 12.08
N GLY A 225 -6.12 10.16 12.09
CA GLY A 225 -7.42 10.13 12.75
C GLY A 225 -7.48 10.51 14.22
N GLY A 226 -6.53 10.03 15.02
CA GLY A 226 -6.47 10.31 16.44
C GLY A 226 -5.98 11.71 16.75
N LYS A 227 -4.99 12.20 16.00
CA LYS A 227 -4.40 13.51 16.23
C LYS A 227 -5.25 14.70 15.84
N LEU A 228 -6.09 14.59 14.80
CA LEU A 228 -6.94 15.72 14.42
C LEU A 228 -8.36 15.62 14.96
N ASN A 229 -8.54 14.85 16.05
CA ASN A 229 -9.83 14.62 16.71
C ASN A 229 -10.95 14.21 15.72
N VAL A 230 -10.60 13.35 14.74
CA VAL A 230 -11.61 12.84 13.81
C VAL A 230 -12.42 11.69 14.47
N HIS A 231 -11.82 11.02 15.49
CA HIS A 231 -12.42 9.97 16.31
C HIS A 231 -13.56 10.48 17.22
N MET A 232 -13.76 11.79 17.32
CA MET A 232 -14.79 12.42 18.14
C MET A 232 -16.14 11.99 17.63
N ASN A 233 -16.39 12.18 16.34
CA ASN A 233 -17.62 11.70 15.71
C ASN A 233 -17.10 10.75 14.64
N PRO A 234 -16.87 9.47 15.00
CA PRO A 234 -16.26 8.51 14.05
C PRO A 234 -17.03 8.42 12.74
N PRO A 235 -16.33 8.63 11.61
CA PRO A 235 -17.06 8.70 10.34
C PRO A 235 -17.45 7.35 9.78
N GLN A 236 -18.53 7.37 9.01
CA GLN A 236 -18.98 6.18 8.34
C GLN A 236 -18.20 6.11 7.04
N VAL A 237 -17.70 4.93 6.73
CA VAL A 237 -16.99 4.62 5.49
C VAL A 237 -17.91 3.71 4.69
N LYS A 238 -18.10 4.04 3.41
CA LYS A 238 -18.93 3.27 2.51
C LYS A 238 -18.06 2.68 1.39
N ALA A 239 -18.25 1.41 1.06
CA ALA A 239 -17.53 0.73 0.00
C ALA A 239 -18.44 0.46 -1.19
N THR A 240 -18.02 0.81 -2.41
CA THR A 240 -18.76 0.49 -3.64
C THR A 240 -17.83 -0.13 -4.70
N ILE A 241 -18.35 -1.08 -5.52
CA ILE A 241 -17.54 -1.67 -6.59
C ILE A 241 -17.71 -0.85 -7.86
N ILE A 242 -16.62 -0.39 -8.43
CA ILE A 242 -16.66 0.44 -9.63
C ILE A 242 -15.74 -0.14 -10.70
N SER A 243 -15.99 0.22 -11.95
CA SER A 243 -15.23 -0.28 -13.09
C SER A 243 -13.90 0.45 -13.28
N GLU A 244 -13.04 -0.04 -14.19
CA GLU A 244 -11.79 0.64 -14.51
C GLU A 244 -12.10 2.01 -15.14
N GLN A 245 -13.17 2.09 -15.96
CA GLN A 245 -13.58 3.35 -16.57
C GLN A 245 -14.12 4.31 -15.54
N GLN A 246 -14.96 3.83 -14.63
CA GLN A 246 -15.51 4.66 -13.59
C GLN A 246 -14.42 5.19 -12.66
N ALA A 247 -13.34 4.40 -12.44
CA ALA A 247 -12.22 4.81 -11.61
C ALA A 247 -11.43 5.90 -12.29
N LYS A 248 -11.22 5.77 -13.62
CA LYS A 248 -10.49 6.73 -14.44
C LYS A 248 -11.18 8.08 -14.38
N SER A 249 -12.49 8.13 -14.66
CA SER A 249 -13.24 9.38 -14.64
C SER A 249 -13.42 9.94 -13.24
N LEU A 250 -13.48 9.08 -12.22
CA LEU A 250 -13.58 9.51 -10.81
C LEU A 250 -12.38 10.38 -10.45
N LEU A 251 -11.17 9.94 -10.81
CA LEU A 251 -9.95 10.68 -10.52
C LEU A 251 -9.78 11.95 -11.37
N LYS A 252 -10.47 12.04 -12.52
CA LYS A 252 -10.45 13.24 -13.35
C LYS A 252 -11.65 14.18 -13.03
N ASN A 253 -12.38 13.91 -11.92
CA ASN A 253 -13.54 14.63 -11.39
C ASN A 253 -14.71 14.71 -12.36
N GLU A 254 -14.93 13.62 -13.11
CA GLU A 254 -16.04 13.47 -14.06
C GLU A 254 -17.04 12.39 -13.58
N ASN A 255 -17.14 12.19 -12.24
CA ASN A 255 -18.06 11.21 -11.67
C ASN A 255 -19.51 11.71 -11.91
N THR A 256 -20.21 11.07 -12.86
CA THR A 256 -21.59 11.41 -13.16
C THR A 256 -22.51 10.82 -12.07
N ARG A 257 -23.15 11.68 -11.26
CA ARG A 257 -24.01 11.28 -10.15
C ARG A 257 -23.18 10.42 -9.15
N ASN A 258 -23.50 9.15 -8.92
CA ASN A 258 -22.69 8.29 -8.07
C ASN A 258 -22.47 6.94 -8.77
N GLU A 259 -21.64 6.96 -9.82
CA GLU A 259 -21.32 5.82 -10.67
C GLU A 259 -20.81 4.58 -9.91
N CYS A 260 -21.37 3.41 -10.23
CA CYS A 260 -20.94 2.14 -9.64
C CYS A 260 -21.27 0.94 -10.56
N SER A 261 -20.62 -0.23 -10.36
CA SER A 261 -20.78 -1.39 -11.23
C SER A 261 -21.28 -2.63 -10.52
N GLY A 262 -22.12 -2.48 -9.53
CA GLY A 262 -22.65 -3.60 -8.77
C GLY A 262 -23.03 -3.24 -7.35
N GLU A 263 -23.28 -4.25 -6.50
CA GLU A 263 -23.69 -3.96 -5.13
C GLU A 263 -22.88 -4.73 -4.09
N ILE A 264 -22.52 -4.08 -2.97
CA ILE A 264 -21.82 -4.78 -1.90
C ILE A 264 -22.71 -4.88 -0.66
N LEU A 265 -22.99 -6.09 -0.21
CA LEU A 265 -23.73 -6.33 1.01
C LEU A 265 -22.84 -5.91 2.18
N ASN A 266 -23.41 -5.29 3.23
CA ASN A 266 -22.65 -4.86 4.41
C ASN A 266 -21.51 -3.90 4.02
N ASN A 267 -21.79 -2.98 3.11
CA ASN A 267 -20.82 -2.01 2.59
C ASN A 267 -20.64 -0.76 3.46
N CYS A 268 -21.18 -0.74 4.67
CA CYS A 268 -21.05 0.42 5.54
C CYS A 268 -20.46 0.03 6.84
N CYS A 269 -19.55 0.85 7.31
CA CYS A 269 -18.81 0.56 8.52
C CYS A 269 -18.47 1.89 9.17
N VAL A 270 -18.54 1.97 10.50
CA VAL A 270 -18.15 3.17 11.22
C VAL A 270 -16.73 2.95 11.73
N MET A 271 -15.87 3.99 11.62
CA MET A 271 -14.48 3.84 12.07
C MET A 271 -14.39 3.67 13.58
N GLU A 272 -13.47 2.83 14.02
CA GLU A 272 -13.32 2.54 15.43
C GLU A 272 -11.98 3.05 15.92
N TYR A 273 -11.99 3.75 17.06
CA TYR A 273 -10.77 4.28 17.64
C TYR A 273 -10.26 3.32 18.69
N HIS A 274 -8.95 3.05 18.66
CA HIS A 274 -8.30 2.14 19.61
C HIS A 274 -7.27 2.92 20.40
N GLN A 275 -7.72 3.57 21.51
CA GLN A 275 -6.93 4.43 22.39
C GLN A 275 -5.49 3.99 22.63
N ALA A 276 -5.28 2.69 22.92
CA ALA A 276 -3.93 2.15 23.18
C ALA A 276 -2.96 2.32 22.00
N THR A 277 -3.41 2.01 20.77
CA THR A 277 -2.54 2.10 19.58
C THR A 277 -2.72 3.39 18.76
N GLY A 278 -3.68 4.23 19.12
CA GLY A 278 -3.97 5.50 18.45
C GLY A 278 -4.52 5.35 17.05
N THR A 279 -5.00 4.13 16.70
CA THR A 279 -5.45 3.85 15.34
C THR A 279 -6.97 4.02 15.15
N LEU A 280 -7.34 4.79 14.11
CA LEU A 280 -8.73 4.99 13.71
C LEU A 280 -8.95 4.15 12.43
N SER A 281 -9.67 3.00 12.53
CA SER A 281 -9.83 2.12 11.38
C SER A 281 -11.23 1.52 11.18
N ALA A 282 -11.68 1.44 9.94
CA ALA A 282 -12.93 0.77 9.62
C ALA A 282 -12.60 -0.69 9.18
N HIS A 283 -13.08 -1.69 9.96
CA HIS A 283 -12.90 -3.10 9.64
C HIS A 283 -14.17 -3.67 9.00
N PHE A 284 -14.23 -3.81 7.68
CA PHE A 284 -15.38 -4.40 7.01
C PHE A 284 -15.13 -5.90 7.04
N ARG A 285 -15.88 -6.68 7.80
CA ARG A 285 -15.64 -8.11 7.92
C ARG A 285 -16.58 -9.02 7.13
N ASN A 286 -17.76 -8.51 6.76
CA ASN A 286 -18.77 -9.32 6.13
C ASN A 286 -19.26 -8.75 4.83
N MET A 287 -18.36 -8.16 4.05
CA MET A 287 -18.77 -7.67 2.72
C MET A 287 -19.05 -8.87 1.80
N SER A 288 -19.93 -8.68 0.81
CA SER A 288 -20.29 -9.73 -0.14
C SER A 288 -20.75 -9.09 -1.43
N LEU A 289 -20.31 -9.58 -2.59
CA LEU A 289 -20.69 -8.98 -3.88
C LEU A 289 -22.02 -9.56 -4.34
N LYS A 290 -23.10 -8.79 -4.23
CA LYS A 290 -24.46 -9.24 -4.58
C LYS A 290 -24.64 -9.37 -6.10
N ARG A 291 -24.15 -8.38 -6.86
CA ARG A 291 -24.20 -8.40 -8.31
C ARG A 291 -23.05 -7.59 -8.91
N ILE A 292 -22.75 -7.80 -10.21
CA ILE A 292 -21.74 -7.06 -10.96
C ILE A 292 -22.31 -6.68 -12.34
N LYS A 293 -21.87 -5.55 -12.89
CA LYS A 293 -22.34 -5.04 -14.17
C LYS A 293 -21.20 -5.05 -15.16
N ARG A 294 -21.36 -5.83 -16.23
CA ARG A 294 -20.35 -5.99 -17.27
C ARG A 294 -20.42 -4.90 -18.40
N ALA A 295 -19.57 -4.98 -19.44
CA ALA A 295 -19.57 -3.99 -20.52
C ALA A 295 -20.27 -4.51 -21.79
N SER A 302 -12.28 -10.09 -22.48
CA SER A 302 -12.53 -11.27 -21.64
C SER A 302 -13.02 -10.87 -20.25
N VAL A 303 -13.89 -11.67 -19.63
CA VAL A 303 -14.39 -11.41 -18.28
C VAL A 303 -13.25 -11.44 -17.23
N THR A 304 -12.22 -12.27 -17.51
CA THR A 304 -11.03 -12.48 -16.69
C THR A 304 -9.95 -11.39 -16.91
N GLU A 305 -10.16 -10.47 -17.85
CA GLU A 305 -9.27 -9.34 -18.09
C GLU A 305 -9.90 -8.00 -17.61
N GLU A 306 -11.20 -8.02 -17.28
CA GLU A 306 -11.98 -6.88 -16.84
C GLU A 306 -11.68 -6.52 -15.38
N LYS A 307 -11.12 -5.32 -15.17
CA LYS A 307 -10.74 -4.86 -13.84
C LYS A 307 -11.74 -3.93 -13.19
N PHE A 308 -11.97 -4.18 -11.90
CA PHE A 308 -12.83 -3.38 -11.01
C PHE A 308 -11.99 -2.89 -9.80
N THR A 309 -12.56 -2.03 -8.97
CA THR A 309 -11.92 -1.58 -7.74
C THR A 309 -12.95 -1.27 -6.72
N VAL A 310 -12.66 -1.56 -5.47
CA VAL A 310 -13.56 -1.23 -4.39
C VAL A 310 -13.19 0.19 -3.94
N LEU A 311 -14.10 1.15 -4.18
CA LEU A 311 -13.97 2.56 -3.81
C LEU A 311 -14.42 2.71 -2.37
N PHE A 312 -13.56 3.24 -1.50
CA PHE A 312 -13.97 3.48 -0.11
C PHE A 312 -14.04 4.99 0.07
N GLU A 313 -15.22 5.52 0.43
CA GLU A 313 -15.34 6.95 0.65
C GLU A 313 -15.90 7.32 2.00
N SER A 314 -15.52 8.46 2.50
CA SER A 314 -15.96 8.96 3.79
C SER A 314 -15.95 10.47 3.83
N GLN A 315 -16.72 11.06 4.73
CA GLN A 315 -16.79 12.50 4.89
C GLN A 315 -16.78 12.83 6.34
N PHE A 316 -15.85 13.65 6.72
CA PHE A 316 -15.70 14.07 8.09
C PHE A 316 -15.11 15.49 8.14
N SER A 317 -15.17 16.13 9.30
CA SER A 317 -14.56 17.45 9.45
C SER A 317 -13.52 17.44 10.53
N VAL A 318 -12.53 18.30 10.38
CA VAL A 318 -11.45 18.41 11.35
C VAL A 318 -11.68 19.62 12.27
N GLY A 319 -11.53 19.40 13.56
CA GLY A 319 -11.74 20.46 14.54
C GLY A 319 -13.19 20.68 14.90
N SER A 320 -13.43 21.53 15.91
CA SER A 320 -14.76 21.85 16.40
C SER A 320 -15.61 22.47 15.28
N ASN A 321 -14.99 23.34 14.47
CA ASN A 321 -15.63 24.05 13.37
C ASN A 321 -15.67 23.22 12.06
N GLU A 322 -16.17 23.84 10.97
CA GLU A 322 -16.35 23.15 9.72
C GLU A 322 -15.19 23.30 8.73
N LEU A 323 -14.30 22.30 8.75
CA LEU A 323 -13.21 22.10 7.80
C LEU A 323 -13.55 20.70 7.30
N VAL A 324 -14.47 20.60 6.37
CA VAL A 324 -14.96 19.31 5.87
C VAL A 324 -14.12 18.70 4.73
N PHE A 325 -13.79 17.41 4.87
CA PHE A 325 -13.04 16.68 3.86
C PHE A 325 -13.83 15.50 3.32
N GLN A 326 -13.76 15.30 2.03
CA GLN A 326 -14.37 14.15 1.38
C GLN A 326 -13.21 13.27 0.94
N VAL A 327 -12.96 12.17 1.66
CA VAL A 327 -11.86 11.28 1.34
C VAL A 327 -12.30 10.12 0.46
N LYS A 328 -11.44 9.72 -0.49
CA LYS A 328 -11.68 8.60 -1.41
C LYS A 328 -10.40 7.77 -1.57
N THR A 329 -10.53 6.44 -1.55
CA THR A 329 -9.40 5.55 -1.78
C THR A 329 -9.87 4.37 -2.60
N LEU A 330 -9.13 4.06 -3.68
CA LEU A 330 -9.43 2.93 -4.56
C LEU A 330 -8.55 1.76 -4.13
N SER A 331 -9.11 0.56 -4.05
CA SER A 331 -8.33 -0.63 -3.74
C SER A 331 -7.46 -1.03 -4.96
N LEU A 332 -6.55 -2.00 -4.76
CA LEU A 332 -5.77 -2.57 -5.87
C LEU A 332 -6.81 -3.26 -6.82
N PRO A 333 -6.60 -3.26 -8.15
CA PRO A 333 -7.62 -3.83 -9.04
C PRO A 333 -8.05 -5.25 -8.66
N VAL A 334 -9.31 -5.51 -8.93
CA VAL A 334 -9.95 -6.76 -8.64
C VAL A 334 -10.53 -7.30 -9.94
N VAL A 335 -10.48 -8.62 -10.13
CA VAL A 335 -11.07 -9.28 -11.28
C VAL A 335 -12.18 -10.13 -10.68
N VAL A 336 -13.41 -9.94 -11.18
CA VAL A 336 -14.57 -10.63 -10.63
C VAL A 336 -14.93 -11.86 -11.42
N ILE A 337 -14.90 -13.00 -10.75
CA ILE A 337 -15.27 -14.26 -11.34
C ILE A 337 -16.61 -14.71 -10.75
N VAL A 338 -17.28 -15.62 -11.44
CA VAL A 338 -18.57 -16.13 -10.95
C VAL A 338 -18.52 -17.65 -10.79
N HIS A 339 -17.82 -18.32 -11.72
CA HIS A 339 -17.77 -19.78 -11.74
C HIS A 339 -16.76 -20.46 -10.81
N GLY A 340 -15.52 -20.01 -10.79
CA GLY A 340 -14.50 -20.68 -9.98
C GLY A 340 -13.43 -21.29 -10.88
N SER A 341 -13.85 -21.79 -12.04
CA SER A 341 -12.95 -22.28 -13.07
C SER A 341 -12.20 -21.10 -13.72
N GLN A 342 -12.80 -19.88 -13.68
CA GLN A 342 -12.26 -18.62 -14.17
C GLN A 342 -11.09 -18.07 -13.34
N ASP A 343 -10.88 -18.61 -12.12
CA ASP A 343 -9.82 -18.19 -11.19
C ASP A 343 -8.42 -18.20 -11.80
N HIS A 344 -8.10 -19.22 -12.61
CA HIS A 344 -6.78 -19.34 -13.22
C HIS A 344 -6.42 -18.21 -14.15
N ASN A 345 -7.34 -17.86 -15.04
CA ASN A 345 -7.09 -16.76 -15.98
C ASN A 345 -7.17 -15.41 -15.30
N ALA A 346 -7.99 -15.29 -14.23
CA ALA A 346 -8.13 -14.05 -13.48
C ALA A 346 -6.81 -13.72 -12.81
N THR A 347 -6.12 -14.75 -12.27
CA THR A 347 -4.83 -14.64 -11.61
C THR A 347 -3.76 -14.04 -12.50
N ALA A 348 -3.72 -14.37 -13.78
CA ALA A 348 -2.73 -13.83 -14.69
C ALA A 348 -2.89 -12.32 -14.85
N THR A 349 -4.14 -11.83 -14.92
CA THR A 349 -4.46 -10.41 -15.07
C THR A 349 -4.02 -9.63 -13.81
N VAL A 350 -4.24 -10.24 -12.65
CA VAL A 350 -3.88 -9.67 -11.37
C VAL A 350 -2.37 -9.66 -11.23
N LEU A 351 -1.71 -10.80 -11.48
CA LEU A 351 -0.25 -10.91 -11.41
C LEU A 351 0.44 -9.87 -12.29
N TRP A 352 -0.03 -9.68 -13.53
CA TRP A 352 0.56 -8.71 -14.44
C TRP A 352 0.41 -7.29 -13.89
N ASP A 353 -0.77 -6.98 -13.35
CA ASP A 353 -1.05 -5.68 -12.79
C ASP A 353 -0.22 -5.42 -11.56
N ASN A 354 -0.22 -6.33 -10.58
CA ASN A 354 0.52 -6.14 -9.34
C ASN A 354 2.01 -5.97 -9.58
N ALA A 355 2.56 -6.72 -10.52
CA ALA A 355 3.99 -6.70 -10.81
C ALA A 355 4.43 -5.56 -11.67
N PHE A 356 3.64 -5.19 -12.70
CA PHE A 356 4.13 -4.22 -13.68
C PHE A 356 3.46 -2.85 -13.67
N ALA A 357 2.64 -2.54 -12.64
CA ALA A 357 2.05 -1.21 -12.55
C ALA A 357 3.11 -0.15 -12.30
N GLU A 358 3.21 0.85 -13.18
CA GLU A 358 4.17 1.93 -13.01
C GLU A 358 3.62 2.89 -11.95
N PRO A 359 4.49 3.45 -11.07
CA PRO A 359 3.97 4.39 -10.06
C PRO A 359 3.39 5.62 -10.74
N GLY A 360 2.27 6.09 -10.20
CA GLY A 360 1.58 7.26 -10.69
C GLY A 360 0.69 7.05 -11.90
N ARG A 361 0.43 5.79 -12.25
CA ARG A 361 -0.42 5.48 -13.40
C ARG A 361 -1.87 5.94 -13.19
N VAL A 362 -2.58 6.10 -14.31
CA VAL A 362 -4.01 6.37 -14.27
C VAL A 362 -4.66 4.99 -13.99
N PRO A 363 -5.86 4.94 -13.39
CA PRO A 363 -6.45 3.66 -13.03
C PRO A 363 -6.43 2.53 -14.08
N PHE A 364 -5.54 1.60 -13.74
CA PHE A 364 -5.22 0.24 -14.13
C PHE A 364 -4.54 0.13 -15.50
N ALA A 365 -3.66 1.09 -15.78
CA ALA A 365 -2.82 1.06 -16.98
C ALA A 365 -1.63 0.14 -16.68
N VAL A 366 -1.39 -0.83 -17.56
CA VAL A 366 -0.25 -1.75 -17.43
C VAL A 366 0.50 -1.79 -18.76
N PRO A 367 1.81 -2.07 -18.73
CA PRO A 367 2.55 -2.12 -20.00
C PRO A 367 2.11 -3.30 -20.88
N ASP A 368 2.16 -3.11 -22.20
CA ASP A 368 1.82 -4.18 -23.13
C ASP A 368 2.91 -5.26 -23.10
N LYS A 369 4.18 -4.86 -23.00
CA LYS A 369 5.32 -5.78 -22.94
C LYS A 369 6.22 -5.49 -21.75
N VAL A 370 6.93 -6.52 -21.31
CA VAL A 370 7.97 -6.50 -20.28
C VAL A 370 9.16 -7.37 -20.77
N LEU A 371 10.33 -7.21 -20.18
CA LEU A 371 11.48 -8.02 -20.53
C LEU A 371 11.41 -9.35 -19.77
N TRP A 372 11.85 -10.44 -20.41
CA TRP A 372 11.88 -11.78 -19.81
C TRP A 372 12.38 -11.81 -18.33
N PRO A 373 13.47 -11.08 -17.93
CA PRO A 373 13.88 -11.13 -16.52
C PRO A 373 12.87 -10.51 -15.55
N GLN A 374 12.05 -9.54 -16.02
CA GLN A 374 11.01 -8.90 -15.20
C GLN A 374 9.90 -9.92 -14.96
N LEU A 375 9.48 -10.64 -16.03
CA LEU A 375 8.49 -11.68 -15.91
C LEU A 375 8.99 -12.80 -15.01
N CYS A 376 10.30 -13.09 -15.04
CA CYS A 376 10.92 -14.13 -14.22
C CYS A 376 10.79 -13.85 -12.75
N GLU A 377 10.96 -12.57 -12.39
CA GLU A 377 10.87 -12.12 -11.00
C GLU A 377 9.45 -12.32 -10.52
N ALA A 378 8.44 -11.96 -11.34
CA ALA A 378 7.02 -12.12 -11.01
C ALA A 378 6.62 -13.58 -10.86
N LEU A 379 7.05 -14.47 -11.84
CA LEU A 379 6.72 -15.89 -11.81
C LEU A 379 7.35 -16.60 -10.64
N ASN A 380 8.60 -16.26 -10.30
CA ASN A 380 9.32 -16.91 -9.19
C ASN A 380 8.72 -16.51 -7.85
N MET A 381 8.32 -15.24 -7.73
CA MET A 381 7.68 -14.74 -6.51
C MET A 381 6.34 -15.46 -6.30
N LYS A 382 5.56 -15.59 -7.39
CA LYS A 382 4.29 -16.30 -7.32
C LYS A 382 4.47 -17.77 -7.02
N PHE A 383 5.42 -18.41 -7.70
CA PHE A 383 5.67 -19.84 -7.58
C PHE A 383 5.95 -20.25 -6.16
N LYS A 384 6.84 -19.54 -5.46
CA LYS A 384 7.20 -19.87 -4.08
C LYS A 384 6.03 -19.68 -3.10
N ALA A 385 5.19 -18.67 -3.36
CA ALA A 385 4.02 -18.44 -2.54
C ALA A 385 3.03 -19.56 -2.76
N GLU A 386 2.80 -19.98 -4.02
CA GLU A 386 1.87 -21.06 -4.31
C GLU A 386 2.33 -22.41 -3.78
N VAL A 387 3.58 -22.80 -4.04
CA VAL A 387 4.07 -24.09 -3.53
C VAL A 387 4.47 -24.02 -2.04
N GLN A 388 4.57 -22.80 -1.46
CA GLN A 388 4.89 -22.58 -0.04
C GLN A 388 6.25 -23.16 0.26
N SER A 389 7.24 -22.78 -0.54
CA SER A 389 8.57 -23.33 -0.41
C SER A 389 9.58 -22.30 -0.76
N ASN A 390 10.79 -22.45 -0.18
CA ASN A 390 11.90 -21.58 -0.57
C ASN A 390 12.63 -22.08 -1.82
N ARG A 391 12.26 -23.30 -2.31
CA ARG A 391 12.80 -23.82 -3.55
C ARG A 391 11.96 -23.17 -4.65
N GLY A 392 12.56 -22.19 -5.31
CA GLY A 392 11.90 -21.50 -6.39
C GLY A 392 12.47 -21.94 -7.71
N LEU A 393 12.33 -21.07 -8.71
CA LEU A 393 12.79 -21.31 -10.05
C LEU A 393 14.28 -20.99 -10.17
N THR A 394 15.12 -22.02 -10.31
CA THR A 394 16.56 -21.87 -10.49
C THR A 394 16.86 -21.20 -11.86
N LYS A 395 18.15 -20.84 -12.13
CA LYS A 395 18.50 -20.27 -13.44
C LYS A 395 18.23 -21.32 -14.55
N GLU A 396 18.42 -22.62 -14.24
CA GLU A 396 18.15 -23.69 -15.20
C GLU A 396 16.65 -23.76 -15.52
N ASN A 397 15.78 -23.72 -14.48
CA ASN A 397 14.32 -23.73 -14.63
C ASN A 397 13.88 -22.52 -15.49
N LEU A 398 14.50 -21.36 -15.30
CA LEU A 398 14.17 -20.19 -16.10
C LEU A 398 14.52 -20.43 -17.58
N VAL A 399 15.66 -21.09 -17.84
CA VAL A 399 16.09 -21.41 -19.21
C VAL A 399 15.07 -22.37 -19.85
N PHE A 400 14.60 -23.36 -19.08
CA PHE A 400 13.55 -24.25 -19.56
C PHE A 400 12.28 -23.46 -19.96
N LEU A 401 11.77 -22.56 -19.09
CA LEU A 401 10.58 -21.77 -19.40
C LEU A 401 10.78 -20.77 -20.52
N ALA A 402 12.01 -20.30 -20.72
CA ALA A 402 12.33 -19.34 -21.78
C ALA A 402 12.33 -20.06 -23.13
N GLN A 403 12.90 -21.29 -23.16
CA GLN A 403 12.91 -22.18 -24.33
C GLN A 403 11.44 -22.47 -24.68
N LYS A 404 10.62 -22.85 -23.70
CA LYS A 404 9.19 -23.09 -23.93
C LYS A 404 8.45 -21.86 -24.46
N LEU A 405 8.51 -20.72 -23.76
CA LEU A 405 7.84 -19.49 -24.17
C LEU A 405 8.29 -18.96 -25.54
N PHE A 406 9.58 -18.77 -25.75
CA PHE A 406 10.08 -18.20 -26.98
C PHE A 406 10.28 -19.18 -28.13
N ASN A 407 10.14 -20.50 -27.87
CA ASN A 407 10.35 -21.56 -28.87
C ASN A 407 11.78 -21.43 -29.44
N ASN A 408 12.74 -21.32 -28.51
CA ASN A 408 14.15 -21.13 -28.75
C ASN A 408 14.92 -22.32 -28.22
N SER A 409 16.13 -22.50 -28.74
CA SER A 409 16.96 -23.63 -28.36
C SER A 409 18.08 -23.26 -27.39
N SER A 410 18.45 -21.96 -27.29
CA SER A 410 19.51 -21.57 -26.37
C SER A 410 19.37 -22.06 -24.94
N SER A 411 20.47 -22.51 -24.35
CA SER A 411 20.48 -22.92 -22.96
C SER A 411 21.17 -21.87 -22.06
N HIS A 412 21.34 -20.65 -22.57
CA HIS A 412 22.02 -19.56 -21.89
C HIS A 412 20.98 -18.48 -21.50
N LEU A 413 20.72 -18.35 -20.19
CA LEU A 413 19.74 -17.39 -19.67
C LEU A 413 19.98 -15.97 -20.15
N GLU A 414 21.24 -15.59 -20.25
CA GLU A 414 21.72 -14.29 -20.72
C GLU A 414 21.26 -13.97 -22.13
N ASP A 415 21.00 -15.00 -22.96
CA ASP A 415 20.52 -14.78 -24.33
C ASP A 415 19.08 -14.25 -24.39
N TYR A 416 18.31 -14.46 -23.31
CA TYR A 416 16.93 -14.03 -23.22
C TYR A 416 16.75 -12.61 -22.58
N SER A 417 17.81 -12.06 -21.94
CA SER A 417 17.87 -10.71 -21.29
C SER A 417 17.06 -9.56 -21.93
N GLY A 418 17.23 -9.36 -23.23
CA GLY A 418 16.57 -8.27 -23.93
C GLY A 418 15.35 -8.66 -24.72
N LEU A 419 14.83 -9.87 -24.49
CA LEU A 419 13.64 -10.32 -25.17
C LEU A 419 12.39 -9.85 -24.39
N SER A 420 11.34 -9.49 -25.11
CA SER A 420 10.13 -8.98 -24.50
C SER A 420 8.96 -9.96 -24.60
N VAL A 421 8.14 -10.01 -23.58
CA VAL A 421 6.96 -10.83 -23.56
C VAL A 421 5.77 -9.85 -23.54
N SER A 422 4.85 -9.98 -24.48
CA SER A 422 3.67 -9.13 -24.49
C SER A 422 2.58 -9.83 -23.67
N TRP A 423 1.48 -9.11 -23.35
CA TRP A 423 0.37 -9.74 -22.62
C TRP A 423 -0.22 -10.90 -23.44
N SER A 424 -0.42 -10.72 -24.77
CA SER A 424 -0.96 -11.82 -25.61
C SER A 424 0.01 -13.04 -25.70
N GLN A 425 1.34 -12.79 -25.72
CA GLN A 425 2.31 -13.88 -25.71
C GLN A 425 2.28 -14.65 -24.40
N PHE A 426 1.87 -14.00 -23.30
CA PHE A 426 1.80 -14.60 -22.00
C PHE A 426 0.50 -15.34 -21.76
N ASN A 427 -0.68 -14.75 -22.10
CA ASN A 427 -1.96 -15.43 -21.83
C ASN A 427 -3.10 -15.14 -22.82
N ARG A 428 -2.78 -14.97 -24.11
CA ARG A 428 -3.84 -14.79 -25.11
C ARG A 428 -3.65 -15.79 -26.24
N GLU A 429 -2.50 -15.73 -26.93
CA GLU A 429 -2.22 -16.66 -28.00
C GLU A 429 -1.63 -17.96 -27.44
N ASN A 430 -2.08 -19.10 -27.97
CA ASN A 430 -1.60 -20.40 -27.51
C ASN A 430 -0.17 -20.64 -27.98
N LEU A 431 0.57 -21.47 -27.25
CA LEU A 431 1.93 -21.79 -27.62
C LEU A 431 1.94 -22.67 -28.88
N PRO A 432 2.99 -22.54 -29.70
CA PRO A 432 3.10 -23.33 -30.93
C PRO A 432 2.77 -24.82 -30.83
N GLY A 433 1.78 -25.24 -31.58
CA GLY A 433 1.36 -26.63 -31.62
C GLY A 433 0.66 -27.09 -30.36
N TRP A 434 0.06 -26.14 -29.60
CA TRP A 434 -0.66 -26.50 -28.38
C TRP A 434 -1.96 -25.77 -28.27
N ASN A 435 -2.84 -26.28 -27.42
CA ASN A 435 -4.14 -25.65 -27.19
C ASN A 435 -4.15 -24.81 -25.90
N TYR A 436 -2.98 -24.39 -25.40
CA TYR A 436 -2.91 -23.62 -24.16
C TYR A 436 -1.91 -22.48 -24.29
N THR A 437 -2.01 -21.47 -23.43
CA THR A 437 -1.07 -20.35 -23.42
C THR A 437 0.10 -20.67 -22.46
N PHE A 438 1.17 -19.86 -22.47
CA PHE A 438 2.27 -20.05 -21.52
C PHE A 438 1.77 -19.96 -20.06
N TRP A 439 0.94 -18.95 -19.74
CA TRP A 439 0.40 -18.84 -18.39
C TRP A 439 -0.38 -20.11 -17.96
N GLN A 440 -1.27 -20.61 -18.83
CA GLN A 440 -2.05 -21.80 -18.52
C GLN A 440 -1.16 -23.02 -18.24
N TRP A 441 -0.03 -23.13 -18.94
CA TRP A 441 0.92 -24.20 -18.70
C TRP A 441 1.61 -24.01 -17.34
N PHE A 442 2.20 -22.82 -17.11
CA PHE A 442 2.88 -22.53 -15.84
C PHE A 442 1.95 -22.67 -14.63
N ASP A 443 0.75 -22.10 -14.73
CA ASP A 443 -0.25 -22.19 -13.68
C ASP A 443 -0.70 -23.64 -13.44
N GLY A 444 -0.72 -24.48 -14.48
CA GLY A 444 -1.10 -25.88 -14.35
C GLY A 444 -0.11 -26.64 -13.49
N VAL A 445 1.20 -26.32 -13.64
CA VAL A 445 2.29 -26.88 -12.85
C VAL A 445 2.08 -26.46 -11.41
N MET A 446 1.86 -25.15 -11.17
CA MET A 446 1.65 -24.65 -9.82
C MET A 446 0.45 -25.28 -9.16
N GLU A 447 -0.62 -25.48 -9.93
CA GLU A 447 -1.81 -26.08 -9.39
C GLU A 447 -1.60 -27.52 -9.01
N VAL A 448 -0.90 -28.33 -9.83
CA VAL A 448 -0.71 -29.72 -9.46
C VAL A 448 0.25 -29.83 -8.29
N LEU A 449 1.30 -29.01 -8.26
CA LEU A 449 2.26 -29.02 -7.16
C LEU A 449 1.56 -28.61 -5.83
N LYS A 450 0.87 -27.45 -5.82
CA LYS A 450 0.17 -26.92 -4.65
C LYS A 450 -0.83 -27.93 -4.08
N LYS A 451 -1.66 -28.54 -4.93
CA LYS A 451 -2.68 -29.45 -4.48
C LYS A 451 -2.22 -30.74 -3.83
N HIS A 452 -1.20 -31.40 -4.36
CA HIS A 452 -0.80 -32.70 -3.82
C HIS A 452 0.65 -32.86 -3.41
N HIS A 453 1.54 -32.13 -4.06
CA HIS A 453 2.97 -32.39 -3.95
C HIS A 453 3.79 -31.32 -3.28
N LYS A 454 3.21 -30.52 -2.35
CA LYS A 454 4.02 -29.48 -1.66
C LYS A 454 5.26 -30.07 -0.94
N PRO A 455 5.09 -31.17 -0.15
CA PRO A 455 6.27 -31.76 0.50
C PRO A 455 7.27 -32.29 -0.52
N HIS A 456 6.79 -32.98 -1.57
CA HIS A 456 7.67 -33.54 -2.61
C HIS A 456 8.46 -32.49 -3.31
N TRP A 457 7.82 -31.35 -3.68
CA TRP A 457 8.55 -30.28 -4.36
C TRP A 457 9.63 -29.71 -3.41
N ASN A 458 9.27 -29.51 -2.14
CA ASN A 458 10.17 -28.94 -1.18
C ASN A 458 11.39 -29.86 -0.96
N ASP A 459 11.14 -31.19 -0.91
CA ASP A 459 12.15 -32.24 -0.72
C ASP A 459 13.11 -32.44 -1.90
N GLY A 460 12.86 -31.78 -3.04
CA GLY A 460 13.70 -31.94 -4.22
C GLY A 460 13.36 -33.14 -5.09
N ALA A 461 12.31 -33.92 -4.73
CA ALA A 461 11.87 -35.13 -5.45
C ALA A 461 11.25 -34.90 -6.84
N ILE A 462 10.94 -33.67 -7.22
CA ILE A 462 10.35 -33.38 -8.52
C ILE A 462 11.25 -32.44 -9.27
N LEU A 463 12.01 -32.94 -10.25
CA LEU A 463 12.90 -32.09 -11.04
C LEU A 463 12.02 -31.17 -11.91
N GLY A 464 11.00 -31.73 -12.54
CA GLY A 464 10.00 -31.03 -13.31
C GLY A 464 10.36 -30.22 -14.54
N PHE A 465 11.09 -29.12 -14.37
CA PHE A 465 11.39 -28.23 -15.47
C PHE A 465 12.53 -28.76 -16.38
N VAL A 466 12.33 -29.95 -16.95
CA VAL A 466 13.23 -30.56 -17.94
C VAL A 466 12.36 -31.04 -19.13
N ASN A 467 12.92 -31.02 -20.35
CA ASN A 467 12.19 -31.56 -21.50
C ASN A 467 12.63 -33.02 -21.71
N LYS A 468 11.98 -33.78 -22.63
CA LYS A 468 12.33 -35.18 -22.89
C LYS A 468 13.81 -35.41 -23.25
N GLN A 469 14.39 -34.53 -24.08
CA GLN A 469 15.81 -34.66 -24.43
C GLN A 469 16.71 -34.43 -23.20
N GLN A 470 16.43 -33.39 -22.37
CA GLN A 470 17.21 -33.16 -21.15
C GLN A 470 17.07 -34.35 -20.20
N ALA A 471 15.86 -34.93 -20.11
CA ALA A 471 15.61 -36.08 -19.25
C ALA A 471 16.46 -37.26 -19.69
N HIS A 472 16.52 -37.50 -21.01
CA HIS A 472 17.30 -38.55 -21.62
C HIS A 472 18.78 -38.39 -21.26
N ASP A 473 19.37 -37.24 -21.59
CA ASP A 473 20.78 -36.96 -21.34
C ASP A 473 21.20 -36.98 -19.85
N LEU A 474 20.25 -36.78 -18.92
CA LEU A 474 20.59 -36.84 -17.50
C LEU A 474 20.61 -38.31 -17.04
N LEU A 475 19.69 -39.13 -17.55
CA LEU A 475 19.57 -40.52 -17.14
C LEU A 475 20.38 -41.56 -17.92
N ILE A 476 20.80 -41.28 -19.19
CA ILE A 476 21.56 -42.22 -20.04
C ILE A 476 22.67 -43.03 -19.33
N ASN A 477 23.51 -42.38 -18.52
CA ASN A 477 24.63 -43.09 -17.88
C ASN A 477 24.35 -43.50 -16.45
N LYS A 478 23.08 -43.65 -16.08
CA LYS A 478 22.71 -43.98 -14.71
C LYS A 478 22.28 -45.43 -14.61
N PRO A 479 22.42 -46.05 -13.43
CA PRO A 479 21.97 -47.46 -13.29
C PRO A 479 20.51 -47.65 -13.68
N ASP A 480 20.15 -48.81 -14.20
CA ASP A 480 18.75 -49.10 -14.57
C ASP A 480 17.82 -48.85 -13.36
N GLY A 481 16.65 -48.29 -13.61
CA GLY A 481 15.71 -47.96 -12.54
C GLY A 481 15.85 -46.53 -12.05
N THR A 482 16.82 -45.77 -12.58
CA THR A 482 16.97 -44.37 -12.21
C THR A 482 15.85 -43.63 -12.93
N PHE A 483 15.14 -42.76 -12.21
CA PHE A 483 14.03 -42.02 -12.77
C PHE A 483 13.97 -40.61 -12.30
N LEU A 484 13.32 -39.74 -13.07
CA LEU A 484 13.02 -38.39 -12.64
C LEU A 484 11.54 -38.11 -12.90
N LEU A 485 10.94 -37.17 -12.14
CA LEU A 485 9.55 -36.77 -12.36
C LEU A 485 9.62 -35.47 -13.11
N ARG A 486 8.95 -35.40 -14.24
CA ARG A 486 8.96 -34.27 -15.18
C ARG A 486 7.54 -33.67 -15.36
N PHE A 487 7.43 -32.45 -15.87
CA PHE A 487 6.15 -31.82 -16.15
C PHE A 487 5.80 -32.12 -17.61
N SER A 488 4.60 -32.60 -17.87
CA SER A 488 4.12 -32.95 -19.19
C SER A 488 3.84 -31.74 -20.08
N ASP A 489 4.24 -31.81 -21.34
CA ASP A 489 3.96 -30.77 -22.31
C ASP A 489 2.51 -30.88 -22.81
N SER A 490 2.03 -32.09 -23.10
CA SER A 490 0.72 -32.34 -23.69
C SER A 490 -0.45 -32.31 -22.78
N GLU A 491 -0.20 -32.44 -21.48
CA GLU A 491 -1.25 -32.50 -20.50
C GLU A 491 -1.05 -31.42 -19.43
N ILE A 492 -1.89 -30.36 -19.44
CA ILE A 492 -1.86 -29.30 -18.41
C ILE A 492 -2.02 -29.95 -17.02
N GLY A 493 -1.15 -29.61 -16.07
CA GLY A 493 -1.20 -30.19 -14.73
C GLY A 493 -0.67 -31.62 -14.67
N GLY A 494 0.04 -32.06 -15.71
CA GLY A 494 0.55 -33.42 -15.78
C GLY A 494 1.95 -33.62 -15.28
N ILE A 495 2.21 -34.79 -14.67
CA ILE A 495 3.52 -35.18 -14.16
C ILE A 495 3.84 -36.55 -14.74
N THR A 496 4.93 -36.64 -15.50
CA THR A 496 5.35 -37.86 -16.19
C THR A 496 6.66 -38.40 -15.62
N ILE A 497 6.75 -39.73 -15.46
CA ILE A 497 7.95 -40.39 -14.98
C ILE A 497 8.86 -40.70 -16.16
N ALA A 498 10.12 -40.27 -16.10
CA ALA A 498 11.09 -40.58 -17.15
C ALA A 498 12.08 -41.54 -16.49
N TRP A 499 12.24 -42.78 -17.01
CA TRP A 499 13.22 -43.68 -16.41
C TRP A 499 14.10 -44.39 -17.43
N LYS A 500 15.31 -44.70 -16.99
CA LYS A 500 16.31 -45.38 -17.79
C LYS A 500 16.32 -46.86 -17.46
N PHE A 501 16.17 -47.68 -18.48
CA PHE A 501 16.24 -49.12 -18.37
C PHE A 501 16.69 -49.67 -19.71
N ASP A 502 17.94 -50.17 -19.78
CA ASP A 502 18.55 -50.72 -21.00
C ASP A 502 17.68 -51.77 -21.66
N SER A 503 17.41 -51.54 -22.94
CA SER A 503 16.56 -52.41 -23.75
C SER A 503 16.96 -52.28 -25.24
N PRO A 504 16.57 -53.25 -26.10
CA PRO A 504 16.92 -53.14 -27.52
C PRO A 504 16.26 -51.95 -28.24
N GLU A 505 14.93 -51.74 -28.06
CA GLU A 505 14.25 -50.64 -28.74
C GLU A 505 14.70 -49.26 -28.21
N ARG A 506 14.31 -48.91 -26.96
CA ARG A 506 14.70 -47.65 -26.33
C ARG A 506 15.49 -47.94 -25.04
N ASN A 507 16.32 -46.99 -24.63
CA ASN A 507 17.01 -47.07 -23.35
C ASN A 507 16.32 -46.14 -22.32
N LEU A 508 15.75 -45.01 -22.80
CA LEU A 508 15.01 -44.08 -21.98
C LEU A 508 13.51 -44.22 -22.25
N TRP A 509 12.68 -44.19 -21.21
CA TRP A 509 11.24 -44.36 -21.34
C TRP A 509 10.45 -43.23 -20.64
N ASN A 510 9.31 -42.84 -21.22
CA ASN A 510 8.44 -41.82 -20.64
C ASN A 510 7.08 -42.44 -20.36
N LEU A 511 6.66 -42.57 -19.09
CA LEU A 511 5.34 -43.15 -18.79
C LEU A 511 4.23 -42.15 -19.10
N LYS A 512 2.97 -42.64 -19.25
CA LYS A 512 1.81 -41.78 -19.46
C LYS A 512 1.69 -40.80 -18.28
N PRO A 513 1.46 -39.51 -18.55
CA PRO A 513 1.41 -38.54 -17.45
C PRO A 513 0.22 -38.70 -16.50
N PHE A 514 0.40 -38.32 -15.25
CA PHE A 514 -0.68 -38.32 -14.27
C PHE A 514 -1.19 -36.91 -14.05
N THR A 515 -2.47 -36.77 -13.75
CA THR A 515 -3.07 -35.47 -13.44
C THR A 515 -3.73 -35.54 -12.06
N THR A 516 -4.22 -34.40 -11.53
CA THR A 516 -4.89 -34.36 -10.23
C THR A 516 -5.98 -35.40 -10.07
N ARG A 517 -6.72 -35.79 -11.15
CA ARG A 517 -7.76 -36.82 -10.98
C ARG A 517 -7.14 -38.13 -10.59
N ASP A 518 -6.01 -38.48 -11.23
CA ASP A 518 -5.27 -39.71 -10.96
C ASP A 518 -4.65 -39.66 -9.57
N PHE A 519 -4.12 -38.50 -9.19
CA PHE A 519 -3.52 -38.32 -7.86
C PHE A 519 -4.54 -38.36 -6.75
N SER A 520 -5.82 -38.04 -7.02
CA SER A 520 -6.89 -38.13 -6.02
C SER A 520 -7.26 -39.60 -5.75
N ILE A 521 -7.16 -40.46 -6.79
CA ILE A 521 -7.44 -41.88 -6.67
C ILE A 521 -6.27 -42.57 -5.95
N ARG A 522 -5.03 -42.27 -6.36
CA ARG A 522 -3.84 -42.87 -5.77
C ARG A 522 -2.71 -41.86 -5.86
N SER A 523 -2.13 -41.52 -4.72
CA SER A 523 -1.09 -40.48 -4.67
C SER A 523 0.15 -40.82 -5.48
N LEU A 524 0.96 -39.79 -5.81
CA LEU A 524 2.22 -39.92 -6.50
C LEU A 524 3.14 -40.91 -5.75
N ALA A 525 3.30 -40.76 -4.43
CA ALA A 525 4.15 -41.67 -3.67
C ALA A 525 3.63 -43.10 -3.71
N ASP A 526 2.33 -43.32 -3.55
CA ASP A 526 1.78 -44.68 -3.59
C ASP A 526 1.98 -45.33 -4.94
N ARG A 527 1.83 -44.56 -6.02
CA ARG A 527 2.00 -44.99 -7.39
C ARG A 527 3.46 -45.35 -7.66
N LEU A 528 4.39 -44.48 -7.25
CA LEU A 528 5.81 -44.74 -7.41
C LEU A 528 6.24 -45.96 -6.61
N GLY A 529 5.67 -46.13 -5.42
CA GLY A 529 5.95 -47.29 -4.58
C GLY A 529 5.47 -48.60 -5.17
N ASP A 530 4.46 -48.56 -6.05
CA ASP A 530 3.93 -49.75 -6.70
C ASP A 530 4.81 -50.20 -7.89
N LEU A 531 5.56 -49.27 -8.50
CA LEU A 531 6.42 -49.58 -9.63
C LEU A 531 7.81 -49.97 -9.14
N SER A 532 8.03 -51.29 -8.99
CA SER A 532 9.26 -51.91 -8.51
C SER A 532 10.48 -51.62 -9.42
N TYR A 533 10.24 -51.27 -10.70
CA TYR A 533 11.31 -50.91 -11.63
C TYR A 533 11.83 -49.48 -11.49
N LEU A 534 11.30 -48.70 -10.54
CA LEU A 534 11.81 -47.36 -10.25
C LEU A 534 12.54 -47.51 -8.93
N ILE A 535 13.87 -47.47 -8.98
CA ILE A 535 14.75 -47.74 -7.84
C ILE A 535 15.47 -46.50 -7.31
N TYR A 536 15.89 -45.58 -8.21
CA TYR A 536 16.62 -44.40 -7.79
C TYR A 536 15.99 -43.16 -8.30
N VAL A 537 15.79 -42.19 -7.43
CA VAL A 537 15.28 -40.89 -7.82
C VAL A 537 16.51 -40.12 -8.22
N PHE A 538 16.53 -39.62 -9.43
CA PHE A 538 17.64 -38.85 -9.98
C PHE A 538 18.17 -37.79 -9.00
N PRO A 539 19.49 -37.78 -8.74
CA PRO A 539 20.55 -38.58 -9.39
C PRO A 539 20.74 -40.00 -8.92
N ASP A 540 20.71 -40.23 -7.59
CA ASP A 540 21.01 -41.56 -7.06
C ASP A 540 20.42 -41.83 -5.69
N ARG A 541 19.31 -41.19 -5.36
CA ARG A 541 18.66 -41.35 -4.08
C ARG A 541 17.76 -42.56 -4.10
N PRO A 542 17.95 -43.55 -3.23
CA PRO A 542 17.03 -44.71 -3.22
C PRO A 542 15.57 -44.26 -3.10
N LYS A 543 14.67 -44.82 -3.91
CA LYS A 543 13.25 -44.43 -3.93
C LYS A 543 12.61 -44.33 -2.54
N ASP A 544 12.66 -45.39 -1.72
CA ASP A 544 12.07 -45.35 -0.38
C ASP A 544 12.64 -44.24 0.50
N GLU A 545 13.89 -43.89 0.31
CA GLU A 545 14.51 -42.81 1.08
C GLU A 545 13.77 -41.48 0.86
N VAL A 546 13.30 -41.25 -0.38
CA VAL A 546 12.61 -40.04 -0.78
C VAL A 546 11.09 -40.10 -0.60
N PHE A 547 10.47 -41.28 -0.82
CA PHE A 547 9.02 -41.38 -0.77
C PHE A 547 8.40 -42.18 0.35
N SER A 548 9.12 -43.06 1.04
CA SER A 548 8.52 -43.91 2.06
C SER A 548 7.67 -43.19 3.11
N LYS A 549 8.07 -41.96 3.46
CA LYS A 549 7.37 -41.09 4.40
C LYS A 549 5.89 -40.90 4.00
N TYR A 550 5.59 -40.98 2.70
CA TYR A 550 4.28 -40.70 2.12
C TYR A 550 3.51 -41.93 1.68
N TYR A 551 4.01 -43.14 1.93
CA TYR A 551 3.33 -44.35 1.49
C TYR A 551 2.15 -44.57 2.42
N THR A 552 0.97 -44.81 1.86
CA THR A 552 -0.23 -45.06 2.67
C THR A 552 -0.15 -46.39 3.41
N PRO A 553 -0.20 -46.36 4.76
CA PRO A 553 -0.21 -47.64 5.49
C PRO A 553 -1.62 -48.19 5.37
N VAL A 554 -1.76 -49.42 4.89
CA VAL A 554 -3.09 -50.00 4.70
C VAL A 554 -3.84 -50.14 6.05
N LEU A 555 -4.98 -49.47 6.19
CA LEU A 555 -5.76 -49.49 7.42
C LEU A 555 -6.97 -50.42 7.30
N ALA A 556 -7.10 -51.36 8.25
CA ALA A 556 -8.22 -52.30 8.26
C ALA A 556 -9.55 -51.55 8.50
N LYS A 557 -10.69 -52.15 8.10
CA LYS A 557 -11.96 -51.47 8.24
C LYS A 557 -12.89 -52.08 9.29
N ALA A 558 -13.81 -51.25 9.82
CA ALA A 558 -14.80 -51.64 10.84
C ALA A 558 -15.75 -52.70 10.27
N VAL A 559 -16.10 -52.57 8.97
CA VAL A 559 -16.94 -53.55 8.30
C VAL A 559 -16.27 -54.96 8.27
N ASP A 560 -14.93 -55.01 8.20
CA ASP A 560 -14.16 -56.26 8.19
C ASP A 560 -13.94 -56.88 9.60
N GLY A 561 -14.58 -56.33 10.63
CA GLY A 561 -14.50 -56.88 11.98
C GLY A 561 -13.46 -56.31 12.93
N TYR A 562 -12.88 -55.16 12.59
CA TYR A 562 -11.87 -54.54 13.43
C TYR A 562 -12.46 -53.45 14.34
N VAL A 563 -12.47 -53.70 15.65
CA VAL A 563 -13.03 -52.77 16.64
C VAL A 563 -12.04 -51.66 17.05
N LYS A 564 -10.74 -51.92 16.92
CA LYS A 564 -9.71 -50.93 17.22
C LYS A 564 -8.92 -50.66 15.92
N PRO A 565 -8.46 -49.41 15.69
CA PRO A 565 -7.72 -49.13 14.45
C PRO A 565 -6.49 -50.02 14.29
N GLN A 566 -6.32 -50.60 13.11
CA GLN A 566 -5.27 -51.56 12.86
C GLN A 566 -4.66 -51.36 11.51
N ILE A 567 -3.32 -51.33 11.44
CA ILE A 567 -2.65 -51.21 10.14
C ILE A 567 -2.28 -52.62 9.59
N LYS A 568 -3.09 -53.14 8.65
CA LYS A 568 -2.88 -54.48 8.09
C LYS A 568 -1.92 -54.50 6.91
#